data_7O2N
#
_entry.id   7O2N
#
_cell.length_a   54.156
_cell.length_b   158.979
_cell.length_c   180.317
_cell.angle_alpha   90.000
_cell.angle_beta   90.000
_cell.angle_gamma   90.000
#
_symmetry.space_group_name_H-M   'I 21 21 21'
#
loop_
_entity.id
_entity.type
_entity.pdbx_description
1 polymer 'Probable UTP--glucose-1-phosphate uridylyltransferase YngB'
2 water water
#
_entity_poly.entity_id   1
_entity_poly.type   'polypeptide(L)'
_entity_poly.pdbx_seq_one_letter_code
;RKKVRKAVIPAAGLGTRFLPATKAQPKEMLPIVDKPAIQYIVEEAAESGIEDILIITGRNKRSIEDHFDRSAELEFNLRE
KGKTETLKEMQQIADLANIHYIRQKEPLGLGHAVLCAEHFIGDEPFAVLLGDDIMVSETPALRQLMDVYDVYGTEVVGVQ
SVLPEDVSKYGIINTSGSQGHVYEVNDLVEKPSPEEAPSEIAVMGRYVLNSSIFSVLKTIGRGAGNEIQLTDALREVCRK
EPIHARLLEGNRYDIGDKLGCFKASTEIGLMRPEMRSQLLAYLEDVIKRETKEMLR
;
_entity_poly.pdbx_strand_id   A,B
#
# COMPACT_ATOMS: atom_id res chain seq x y z
N ARG A 1 -11.60 -15.38 18.20
CA ARG A 1 -10.63 -16.53 18.26
C ARG A 1 -9.26 -16.12 17.69
N LYS A 2 -9.18 -14.92 17.09
CA LYS A 2 -8.18 -14.60 16.07
C LYS A 2 -7.05 -13.73 16.63
N LYS A 3 -5.81 -14.00 16.18
CA LYS A 3 -4.62 -13.24 16.56
C LYS A 3 -4.62 -11.87 15.85
N VAL A 4 -4.22 -10.80 16.56
CA VAL A 4 -3.96 -9.49 15.96
C VAL A 4 -2.60 -9.54 15.27
N ARG A 5 -2.62 -9.24 13.96
CA ARG A 5 -1.45 -9.38 13.11
C ARG A 5 -1.26 -8.14 12.23
N LYS A 6 -2.26 -7.24 12.20
CA LYS A 6 -2.23 -6.09 11.32
C LYS A 6 -2.46 -4.81 12.13
N ALA A 7 -1.89 -3.70 11.64
CA ALA A 7 -1.90 -2.40 12.27
C ALA A 7 -2.06 -1.28 11.24
N VAL A 8 -2.64 -0.16 11.67
CA VAL A 8 -2.88 0.97 10.80
C VAL A 8 -2.27 2.24 11.40
N ILE A 9 -1.29 2.82 10.71
CA ILE A 9 -0.72 4.09 11.17
C ILE A 9 -1.25 5.22 10.29
N PRO A 10 -2.09 6.16 10.79
CA PRO A 10 -2.55 7.27 9.96
C PRO A 10 -1.39 8.26 9.97
N ALA A 11 -1.05 8.79 8.79
CA ALA A 11 0.08 9.71 8.68
C ALA A 11 -0.19 10.74 7.58
N ALA A 12 -1.34 11.41 7.62
CA ALA A 12 -1.63 12.33 6.53
C ALA A 12 -1.45 13.78 6.97
N GLY A 13 -1.20 14.00 8.28
CA GLY A 13 -0.98 15.31 8.87
C GLY A 13 0.01 16.20 8.10
N LEU A 14 -0.30 17.49 8.06
CA LEU A 14 0.55 18.46 7.37
C LEU A 14 1.57 19.00 8.38
N GLY A 15 1.38 18.62 9.65
CA GLY A 15 2.35 18.88 10.68
C GLY A 15 2.68 20.36 10.83
N THR A 16 1.68 21.14 11.23
CA THR A 16 1.82 22.57 11.32
C THR A 16 2.56 23.00 12.59
N ARG A 17 2.45 22.20 13.66
CA ARG A 17 3.03 22.54 14.95
C ARG A 17 4.56 22.59 14.85
N PHE A 18 5.11 22.20 13.69
CA PHE A 18 6.54 21.99 13.61
C PHE A 18 7.18 22.82 12.52
N LEU A 19 6.44 23.81 12.00
CA LEU A 19 6.97 24.68 10.95
C LEU A 19 8.06 25.53 11.58
N PRO A 20 9.09 25.98 10.84
CA PRO A 20 9.29 25.59 9.44
C PRO A 20 9.96 24.26 9.08
N ALA A 21 10.34 23.44 10.06
CA ALA A 21 11.01 22.18 9.78
C ALA A 21 10.21 21.38 8.76
N THR A 22 8.88 21.35 8.94
CA THR A 22 8.00 20.50 8.16
C THR A 22 7.44 21.21 6.92
N LYS A 23 7.94 22.39 6.60
CA LYS A 23 7.49 23.03 5.36
C LYS A 23 7.53 22.06 4.19
N ALA A 24 8.66 21.36 3.98
CA ALA A 24 8.76 20.58 2.76
C ALA A 24 9.06 19.13 3.08
N GLN A 25 8.83 18.73 4.33
CA GLN A 25 9.05 17.34 4.67
C GLN A 25 8.12 16.91 5.80
N PRO A 26 7.79 15.61 5.90
CA PRO A 26 6.75 15.15 6.81
C PRO A 26 7.12 15.18 8.29
N LYS A 27 6.11 15.48 9.09
CA LYS A 27 6.18 15.48 10.54
C LYS A 27 6.78 14.17 11.03
N GLU A 28 6.38 13.04 10.41
CA GLU A 28 6.68 11.73 10.97
C GLU A 28 8.12 11.31 10.69
N MET A 29 8.81 12.08 9.84
CA MET A 29 10.20 11.80 9.53
C MET A 29 11.13 12.60 10.42
N LEU A 30 10.60 13.53 11.21
CA LEU A 30 11.45 14.30 12.11
C LEU A 30 12.20 13.35 13.03
N PRO A 31 13.50 13.60 13.20
CA PRO A 31 14.36 12.69 13.94
C PRO A 31 13.99 12.83 15.41
N ILE A 32 13.93 11.70 16.13
CA ILE A 32 13.78 11.81 17.57
C ILE A 32 15.11 11.64 18.26
N VAL A 33 15.80 10.50 18.15
CA VAL A 33 17.18 10.73 18.52
C VAL A 33 17.99 10.94 17.25
N ASP A 34 17.86 9.96 16.36
CA ASP A 34 18.55 9.90 15.10
C ASP A 34 17.71 8.94 14.27
N LYS A 35 16.53 8.64 14.82
CA LYS A 35 15.51 7.84 14.16
C LYS A 35 14.31 8.72 13.88
N PRO A 36 13.74 8.59 12.66
CA PRO A 36 12.47 9.24 12.34
C PRO A 36 11.39 8.71 13.29
N ALA A 37 10.51 9.62 13.70
CA ALA A 37 9.49 9.28 14.67
C ALA A 37 8.74 8.05 14.16
N ILE A 38 8.44 8.05 12.86
CA ILE A 38 7.66 6.99 12.25
C ILE A 38 8.31 5.63 12.54
N GLN A 39 9.64 5.60 12.67
CA GLN A 39 10.32 4.33 12.83
C GLN A 39 10.05 3.77 14.22
N TYR A 40 9.93 4.67 15.21
CA TYR A 40 9.62 4.22 16.56
C TYR A 40 8.30 3.46 16.54
N ILE A 41 7.33 3.95 15.76
CA ILE A 41 5.98 3.39 15.76
C ILE A 41 6.01 2.01 15.13
N VAL A 42 6.66 1.89 13.96
CA VAL A 42 6.83 0.60 13.32
C VAL A 42 7.58 -0.37 14.23
N GLU A 43 8.54 0.13 15.01
CA GLU A 43 9.29 -0.71 15.94
C GLU A 43 8.40 -1.23 17.06
N GLU A 44 7.59 -0.37 17.65
CA GLU A 44 6.60 -0.82 18.61
C GLU A 44 5.83 -2.00 18.02
N ALA A 45 5.22 -1.76 16.86
CA ALA A 45 4.35 -2.73 16.21
C ALA A 45 5.10 -4.03 15.91
N ALA A 46 6.30 -3.93 15.33
CA ALA A 46 7.04 -5.13 14.99
C ALA A 46 7.25 -6.00 16.23
N GLU A 47 7.79 -5.41 17.32
CA GLU A 47 8.09 -6.18 18.51
C GLU A 47 6.83 -6.62 19.25
N SER A 48 5.69 -5.97 18.99
CA SER A 48 4.40 -6.43 19.50
C SER A 48 3.91 -7.64 18.71
N GLY A 49 4.67 -8.03 17.68
CA GLY A 49 4.32 -9.14 16.81
C GLY A 49 3.40 -8.77 15.63
N ILE A 50 3.32 -7.49 15.25
CA ILE A 50 2.60 -7.13 14.04
C ILE A 50 3.47 -7.42 12.83
N GLU A 51 2.85 -8.01 11.80
CA GLU A 51 3.60 -8.39 10.61
C GLU A 51 3.27 -7.47 9.42
N ASP A 52 2.10 -6.79 9.46
CA ASP A 52 1.63 -6.02 8.32
C ASP A 52 1.02 -4.70 8.76
N ILE A 53 1.57 -3.60 8.23
CA ILE A 53 1.18 -2.24 8.56
C ILE A 53 0.67 -1.55 7.29
N LEU A 54 -0.46 -0.85 7.45
CA LEU A 54 -0.91 0.05 6.40
C LEU A 54 -0.75 1.48 6.89
N ILE A 55 0.00 2.27 6.13
CA ILE A 55 0.14 3.68 6.42
C ILE A 55 -0.82 4.42 5.51
N ILE A 56 -1.72 5.20 6.10
CA ILE A 56 -2.57 6.09 5.34
C ILE A 56 -1.75 7.36 5.19
N THR A 57 -1.19 7.55 4.00
CA THR A 57 -0.28 8.65 3.77
C THR A 57 -0.99 9.70 2.92
N GLY A 58 -0.36 10.85 2.74
CA GLY A 58 -0.84 11.92 1.86
C GLY A 58 0.21 12.32 0.82
N ARG A 59 0.10 13.57 0.33
CA ARG A 59 0.96 14.08 -0.73
C ARG A 59 2.33 14.44 -0.17
N ASN A 60 3.35 14.27 -1.02
CA ASN A 60 4.75 14.56 -0.72
C ASN A 60 5.17 13.94 0.60
N LYS A 61 4.76 12.68 0.83
CA LYS A 61 5.31 11.96 1.97
C LYS A 61 6.09 10.73 1.50
N ARG A 62 6.72 10.85 0.32
CA ARG A 62 7.48 9.78 -0.29
C ARG A 62 8.57 9.31 0.69
N SER A 63 9.17 10.24 1.43
CA SER A 63 10.27 9.87 2.29
C SER A 63 9.94 8.76 3.29
N ILE A 64 8.68 8.67 3.74
CA ILE A 64 8.31 7.60 4.66
C ILE A 64 8.47 6.25 3.95
N GLU A 65 7.98 6.16 2.71
CA GLU A 65 7.97 4.93 1.93
C GLU A 65 9.41 4.52 1.58
N ASP A 66 10.24 5.52 1.29
CA ASP A 66 11.61 5.33 0.94
C ASP A 66 12.38 4.82 2.15
N HIS A 67 12.10 5.39 3.33
CA HIS A 67 12.81 5.05 4.54
C HIS A 67 12.78 3.55 4.79
N PHE A 68 11.65 2.91 4.51
CA PHE A 68 11.49 1.51 4.87
C PHE A 68 11.78 0.56 3.70
N ASP A 69 12.52 1.01 2.69
CA ASP A 69 12.90 0.17 1.56
C ASP A 69 14.42 0.11 1.44
N ARG A 70 14.93 -0.66 0.48
CA ARG A 70 16.35 -0.71 0.23
C ARG A 70 16.80 0.57 -0.48
N SER A 71 17.87 1.19 0.03
CA SER A 71 18.38 2.42 -0.56
C SER A 71 19.67 2.15 -1.32
N ALA A 72 19.55 1.85 -2.62
CA ALA A 72 20.64 1.31 -3.43
C ALA A 72 21.88 2.22 -3.39
N GLU A 73 21.67 3.51 -3.64
CA GLU A 73 22.76 4.46 -3.74
C GLU A 73 23.46 4.62 -2.39
N LEU A 74 22.76 4.25 -1.30
CA LEU A 74 23.33 4.38 0.04
C LEU A 74 24.11 3.11 0.38
N GLU A 75 23.48 1.94 0.11
CA GLU A 75 24.11 0.64 0.26
C GLU A 75 25.44 0.62 -0.48
N PHE A 76 25.48 1.10 -1.73
CA PHE A 76 26.76 1.23 -2.41
C PHE A 76 27.73 2.01 -1.53
N ASN A 77 27.34 3.22 -1.14
CA ASN A 77 28.29 4.09 -0.46
C ASN A 77 28.77 3.46 0.85
N LEU A 78 27.94 2.60 1.43
CA LEU A 78 28.28 2.05 2.73
C LEU A 78 29.23 0.87 2.56
N ARG A 79 28.90 -0.03 1.62
CA ARG A 79 29.68 -1.21 1.29
C ARG A 79 31.08 -0.79 0.90
N GLU A 80 31.14 0.26 0.08
CA GLU A 80 32.38 0.74 -0.51
C GLU A 80 33.01 1.71 0.47
N LYS A 81 32.99 1.36 1.76
CA LYS A 81 33.46 2.26 2.81
C LYS A 81 33.66 1.45 4.09
N GLY A 82 33.17 0.20 4.07
CA GLY A 82 33.46 -0.71 5.16
C GLY A 82 32.30 -0.84 6.13
N LYS A 83 31.58 0.27 6.35
CA LYS A 83 30.53 0.39 7.35
C LYS A 83 29.49 -0.69 7.11
N THR A 84 29.75 -1.88 7.64
CA THR A 84 29.00 -3.09 7.38
C THR A 84 28.02 -3.29 8.53
N GLU A 85 28.42 -2.83 9.71
CA GLU A 85 27.54 -2.72 10.86
C GLU A 85 26.35 -1.85 10.46
N THR A 86 26.64 -0.73 9.80
CA THR A 86 25.62 0.23 9.37
C THR A 86 24.79 -0.40 8.25
N LEU A 87 25.46 -0.85 7.18
CA LEU A 87 24.75 -1.46 6.07
C LEU A 87 23.85 -2.59 6.57
N LYS A 88 24.06 -3.08 7.80
CA LYS A 88 23.25 -4.19 8.27
C LYS A 88 22.07 -3.62 9.04
N GLU A 89 22.33 -2.50 9.73
CA GLU A 89 21.33 -1.78 10.51
C GLU A 89 20.28 -1.23 9.54
N MET A 90 20.73 -0.74 8.37
CA MET A 90 19.83 -0.15 7.39
C MET A 90 18.93 -1.23 6.79
N GLN A 91 19.53 -2.40 6.54
CA GLN A 91 18.82 -3.55 6.00
C GLN A 91 17.75 -4.01 6.98
N GLN A 92 17.99 -3.83 8.28
CA GLN A 92 17.03 -4.30 9.26
C GLN A 92 15.79 -3.43 9.27
N ILE A 93 15.99 -2.12 9.01
CA ILE A 93 14.90 -1.16 9.02
C ILE A 93 13.89 -1.63 7.99
N ALA A 94 14.44 -2.02 6.84
CA ALA A 94 13.61 -2.40 5.71
C ALA A 94 12.98 -3.76 5.94
N ASP A 95 13.20 -4.36 7.13
CA ASP A 95 12.74 -5.71 7.41
C ASP A 95 11.78 -5.76 8.60
N LEU A 96 11.53 -4.62 9.23
CA LEU A 96 10.71 -4.61 10.44
C LEU A 96 9.35 -5.25 10.19
N ALA A 97 8.67 -4.90 9.10
CA ALA A 97 7.32 -5.35 8.87
C ALA A 97 7.03 -5.21 7.39
N ASN A 98 5.87 -5.68 6.93
CA ASN A 98 5.51 -5.47 5.55
C ASN A 98 4.68 -4.20 5.49
N ILE A 99 5.26 -3.16 4.86
CA ILE A 99 4.67 -1.84 4.94
C ILE A 99 3.87 -1.56 3.67
N HIS A 100 2.56 -1.41 3.84
CA HIS A 100 1.65 -1.05 2.75
C HIS A 100 1.27 0.43 2.86
N TYR A 101 0.92 1.07 1.73
CA TYR A 101 0.48 2.46 1.71
C TYR A 101 -0.83 2.65 0.96
N ILE A 102 -1.62 3.60 1.42
CA ILE A 102 -2.78 4.05 0.68
C ILE A 102 -2.81 5.56 0.81
N ARG A 103 -3.30 6.23 -0.23
CA ARG A 103 -3.44 7.67 -0.09
C ARG A 103 -4.81 8.01 0.46
N GLN A 104 -4.86 8.80 1.53
CA GLN A 104 -6.11 9.38 1.94
C GLN A 104 -6.49 10.42 0.90
N LYS A 105 -7.72 10.37 0.40
CA LYS A 105 -7.96 11.18 -0.79
C LYS A 105 -8.08 12.64 -0.37
N GLU A 106 -9.08 12.95 0.47
CA GLU A 106 -9.24 14.27 1.06
C GLU A 106 -9.09 14.15 2.58
N PRO A 107 -8.62 15.23 3.28
CA PRO A 107 -8.29 15.14 4.70
C PRO A 107 -9.48 15.24 5.63
N LEU A 108 -9.90 14.11 6.21
CA LEU A 108 -11.11 14.05 7.00
C LEU A 108 -10.84 13.32 8.32
N GLY A 109 -9.55 13.39 8.76
CA GLY A 109 -9.09 12.96 10.07
C GLY A 109 -9.01 11.44 10.24
N LEU A 110 -8.46 10.98 11.38
CA LEU A 110 -8.59 9.58 11.81
C LEU A 110 -10.09 9.30 11.77
N GLY A 111 -10.48 8.03 11.79
CA GLY A 111 -11.90 7.79 11.59
C GLY A 111 -12.18 7.56 10.11
N HIS A 112 -12.22 8.64 9.30
CA HIS A 112 -12.20 8.42 7.87
C HIS A 112 -11.00 7.55 7.52
N ALA A 113 -9.83 7.96 8.03
CA ALA A 113 -8.55 7.30 7.82
C ALA A 113 -8.64 5.83 8.18
N VAL A 114 -9.29 5.51 9.30
CA VAL A 114 -9.42 4.14 9.72
C VAL A 114 -10.30 3.37 8.74
N LEU A 115 -11.25 4.07 8.09
CA LEU A 115 -12.17 3.41 7.18
C LEU A 115 -11.42 2.95 5.94
N CYS A 116 -10.41 3.75 5.53
CA CYS A 116 -9.61 3.43 4.36
C CYS A 116 -9.01 2.04 4.50
N ALA A 117 -8.71 1.65 5.74
CA ALA A 117 -7.99 0.42 6.02
C ALA A 117 -8.89 -0.81 5.81
N GLU A 118 -10.20 -0.57 5.64
CA GLU A 118 -11.25 -1.57 5.79
C GLU A 118 -10.87 -2.86 5.07
N HIS A 119 -10.66 -2.76 3.75
CA HIS A 119 -10.54 -3.91 2.87
C HIS A 119 -9.21 -4.61 3.11
N PHE A 120 -8.25 -3.85 3.62
CA PHE A 120 -6.90 -4.35 3.82
C PHE A 120 -6.87 -5.33 4.99
N ILE A 121 -7.53 -4.96 6.10
CA ILE A 121 -7.55 -5.87 7.24
C ILE A 121 -8.70 -6.86 7.04
N GLY A 122 -9.77 -6.35 6.44
CA GLY A 122 -10.91 -7.17 6.09
C GLY A 122 -11.59 -7.71 7.33
N ASP A 123 -11.28 -8.96 7.69
CA ASP A 123 -12.00 -9.61 8.75
C ASP A 123 -11.08 -10.19 9.80
N GLU A 124 -10.38 -9.26 10.48
CA GLU A 124 -9.51 -9.58 11.59
C GLU A 124 -9.73 -8.53 12.69
N PRO A 125 -9.18 -8.75 13.89
CA PRO A 125 -8.94 -7.63 14.79
C PRO A 125 -7.65 -6.94 14.33
N PHE A 126 -7.62 -5.60 14.39
CA PHE A 126 -6.41 -4.89 14.01
C PHE A 126 -6.04 -3.86 15.08
N ALA A 127 -4.80 -3.37 15.00
CA ALA A 127 -4.30 -2.29 15.83
C ALA A 127 -4.31 -0.97 15.05
N VAL A 128 -4.68 0.12 15.73
CA VAL A 128 -4.36 1.46 15.26
C VAL A 128 -3.33 2.08 16.21
N LEU A 129 -2.31 2.75 15.63
CA LEU A 129 -1.32 3.48 16.40
C LEU A 129 -1.17 4.87 15.80
N LEU A 130 -1.84 5.87 16.40
CA LEU A 130 -1.54 7.28 16.17
C LEU A 130 -0.11 7.46 16.65
N GLY A 131 0.57 8.49 16.17
CA GLY A 131 1.97 8.49 16.56
C GLY A 131 2.32 9.63 17.49
N ASP A 132 1.71 9.69 18.68
CA ASP A 132 1.77 10.96 19.39
C ASP A 132 2.65 10.87 20.62
N ASP A 133 3.25 9.70 20.85
CA ASP A 133 4.13 9.56 22.00
C ASP A 133 5.08 8.40 21.74
N ILE A 134 6.23 8.38 22.41
CA ILE A 134 7.02 7.16 22.42
C ILE A 134 6.91 6.55 23.82
N MET A 135 6.75 5.21 23.88
CA MET A 135 6.69 4.46 25.11
C MET A 135 7.96 3.62 25.22
N VAL A 136 8.64 3.73 26.37
CA VAL A 136 9.75 2.85 26.68
C VAL A 136 9.26 1.88 27.76
N SER A 137 9.35 0.57 27.46
CA SER A 137 8.61 -0.46 28.16
C SER A 137 9.38 -1.78 28.16
N GLU A 138 9.18 -2.59 29.20
CA GLU A 138 9.73 -3.95 29.20
C GLU A 138 8.91 -4.79 28.20
N THR A 139 7.61 -4.55 28.20
CA THR A 139 6.67 -5.11 27.27
C THR A 139 6.17 -3.99 26.35
N PRO A 140 6.41 -4.09 25.01
CA PRO A 140 6.00 -3.03 24.08
C PRO A 140 4.53 -2.69 24.27
N ALA A 141 4.25 -1.37 24.27
CA ALA A 141 2.96 -0.85 24.68
C ALA A 141 1.81 -1.62 24.02
N LEU A 142 1.84 -1.73 22.68
CA LEU A 142 0.74 -2.35 21.94
C LEU A 142 0.53 -3.81 22.34
N ARG A 143 1.63 -4.55 22.51
CA ARG A 143 1.59 -5.95 22.94
C ARG A 143 0.67 -6.09 24.14
N GLN A 144 0.73 -5.10 25.05
CA GLN A 144 -0.03 -5.10 26.29
C GLN A 144 -1.52 -4.98 26.02
N LEU A 145 -1.91 -4.16 25.02
CA LEU A 145 -3.30 -4.04 24.59
C LEU A 145 -3.79 -5.35 24.00
N MET A 146 -2.87 -6.02 23.27
CA MET A 146 -3.19 -7.24 22.54
C MET A 146 -3.51 -8.36 23.54
N ASP A 147 -2.81 -8.32 24.69
CA ASP A 147 -2.92 -9.36 25.69
C ASP A 147 -4.28 -9.26 26.38
N VAL A 148 -4.76 -8.03 26.60
CA VAL A 148 -6.12 -7.86 27.09
C VAL A 148 -7.10 -8.30 26.01
N TYR A 149 -6.76 -8.09 24.72
CA TYR A 149 -7.65 -8.52 23.66
C TYR A 149 -7.82 -10.04 23.64
N ASP A 150 -6.67 -10.76 23.58
CA ASP A 150 -6.63 -12.22 23.63
C ASP A 150 -7.69 -12.76 24.60
N VAL A 151 -7.94 -12.05 25.71
CA VAL A 151 -8.87 -12.57 26.69
C VAL A 151 -10.26 -12.02 26.45
N TYR A 152 -10.49 -10.70 26.63
CA TYR A 152 -11.85 -10.16 26.55
C TYR A 152 -12.37 -10.09 25.12
N GLY A 153 -11.48 -9.96 24.15
CA GLY A 153 -11.89 -10.00 22.74
C GLY A 153 -12.78 -8.83 22.32
N THR A 154 -12.95 -7.81 23.18
CA THR A 154 -13.63 -6.60 22.77
C THR A 154 -12.60 -5.56 22.31
N GLU A 155 -13.12 -4.42 21.85
CA GLU A 155 -12.33 -3.25 21.50
C GLU A 155 -11.60 -2.77 22.75
N VAL A 156 -10.27 -2.95 22.77
CA VAL A 156 -9.41 -2.52 23.87
C VAL A 156 -8.73 -1.18 23.52
N VAL A 157 -8.62 -0.31 24.53
CA VAL A 157 -7.99 1.01 24.43
C VAL A 157 -6.77 1.03 25.34
N GLY A 158 -5.72 1.75 24.94
CA GLY A 158 -4.52 1.94 25.74
C GLY A 158 -4.54 3.27 26.49
N VAL A 159 -4.34 3.18 27.83
CA VAL A 159 -4.55 4.33 28.72
C VAL A 159 -3.39 4.48 29.70
N GLN A 160 -3.32 5.72 30.21
CA GLN A 160 -2.49 6.16 31.33
C GLN A 160 -3.16 7.37 31.97
N SER A 161 -2.85 7.62 33.25
CA SER A 161 -3.49 8.73 33.93
C SER A 161 -2.76 10.04 33.62
N VAL A 162 -3.47 11.16 33.81
CA VAL A 162 -2.89 12.45 33.54
C VAL A 162 -3.40 13.44 34.60
N LEU A 163 -2.66 14.54 34.81
CA LEU A 163 -3.07 15.54 35.79
C LEU A 163 -4.35 16.20 35.28
N PRO A 164 -5.33 16.51 36.17
CA PRO A 164 -6.56 17.20 35.80
C PRO A 164 -6.52 18.24 34.67
N GLU A 165 -5.47 19.08 34.60
CA GLU A 165 -5.52 20.22 33.71
C GLU A 165 -5.56 19.75 32.26
N ASP A 166 -4.83 18.66 31.98
CA ASP A 166 -4.53 18.24 30.62
C ASP A 166 -5.61 17.32 30.07
N VAL A 167 -6.79 17.25 30.70
CA VAL A 167 -7.76 16.24 30.28
C VAL A 167 -8.45 16.69 28.98
N SER A 168 -8.40 17.99 28.70
CA SER A 168 -9.00 18.53 27.50
C SER A 168 -8.08 18.32 26.30
N LYS A 169 -6.95 17.64 26.51
CA LYS A 169 -5.98 17.38 25.45
C LYS A 169 -6.22 15.97 24.92
N TYR A 170 -7.09 15.21 25.59
CA TYR A 170 -7.13 13.77 25.39
C TYR A 170 -8.57 13.26 25.24
N GLY A 171 -8.68 11.95 24.99
CA GLY A 171 -9.93 11.22 25.20
C GLY A 171 -9.91 10.50 26.54
N ILE A 172 -11.05 10.63 27.26
CA ILE A 172 -11.15 10.22 28.65
C ILE A 172 -12.17 9.10 28.79
N ILE A 173 -11.68 7.98 29.36
CA ILE A 173 -12.38 6.78 29.78
C ILE A 173 -13.49 7.15 30.75
N ASN A 174 -14.39 6.19 31.04
CA ASN A 174 -15.40 6.35 32.07
C ASN A 174 -15.66 4.99 32.70
N THR A 175 -14.83 4.60 33.67
CA THR A 175 -14.88 3.25 34.23
C THR A 175 -16.04 3.08 35.21
N SER A 176 -16.37 1.81 35.43
CA SER A 176 -17.15 1.38 36.57
C SER A 176 -16.19 0.85 37.63
N GLY A 177 -15.03 0.37 37.17
CA GLY A 177 -14.12 -0.33 38.05
C GLY A 177 -12.92 -0.87 37.28
N SER A 178 -12.14 -1.73 37.94
CA SER A 178 -10.78 -2.05 37.55
C SER A 178 -10.44 -3.40 38.15
N GLN A 179 -9.68 -4.17 37.38
CA GLN A 179 -9.39 -5.54 37.75
C GLN A 179 -7.98 -5.79 37.22
N GLY A 180 -7.05 -6.21 38.09
CA GLY A 180 -5.63 -6.22 37.74
C GLY A 180 -5.24 -4.92 37.03
N HIS A 181 -4.77 -5.06 35.78
CA HIS A 181 -4.21 -3.98 34.98
C HIS A 181 -5.22 -3.42 33.99
N VAL A 182 -6.50 -3.84 34.08
CA VAL A 182 -7.47 -3.65 33.01
C VAL A 182 -8.69 -2.91 33.53
N TYR A 183 -8.87 -1.65 33.11
CA TYR A 183 -10.07 -0.91 33.48
C TYR A 183 -11.23 -1.44 32.63
N GLU A 184 -12.44 -0.97 32.91
CA GLU A 184 -13.63 -1.50 32.26
C GLU A 184 -14.47 -0.30 31.84
N VAL A 185 -14.29 0.08 30.58
CA VAL A 185 -14.80 1.33 30.02
C VAL A 185 -16.30 1.23 29.82
N ASN A 186 -17.01 2.26 30.26
CA ASN A 186 -18.46 2.29 30.19
C ASN A 186 -18.88 3.31 29.14
N ASP A 187 -18.11 4.41 29.06
CA ASP A 187 -18.30 5.42 28.04
C ASP A 187 -16.96 6.13 27.79
N LEU A 188 -17.01 7.19 26.97
CA LEU A 188 -15.84 7.87 26.48
C LEU A 188 -16.26 9.27 26.06
N VAL A 189 -15.49 10.29 26.47
CA VAL A 189 -15.68 11.61 25.90
C VAL A 189 -14.36 12.16 25.36
N GLU A 190 -14.49 12.80 24.18
CA GLU A 190 -13.37 13.35 23.45
C GLU A 190 -13.05 14.73 24.00
N LYS A 191 -11.83 14.85 24.51
CA LYS A 191 -11.29 16.08 25.09
C LYS A 191 -12.37 16.93 25.77
N PRO A 192 -12.88 16.52 26.95
CA PRO A 192 -13.85 17.30 27.72
C PRO A 192 -13.21 18.38 28.60
N SER A 193 -14.03 19.35 29.04
CA SER A 193 -13.64 20.37 29.99
C SER A 193 -13.37 19.74 31.36
N PRO A 194 -12.40 20.24 32.16
CA PRO A 194 -11.87 19.48 33.29
C PRO A 194 -12.88 18.99 34.32
N GLU A 195 -14.07 19.61 34.36
CA GLU A 195 -15.13 19.23 35.29
C GLU A 195 -16.07 18.22 34.64
N GLU A 196 -16.33 18.44 33.34
CA GLU A 196 -17.15 17.61 32.47
C GLU A 196 -16.53 16.21 32.33
N ALA A 197 -15.21 16.13 32.51
CA ALA A 197 -14.44 14.89 32.40
C ALA A 197 -14.80 13.94 33.54
N PRO A 198 -15.15 12.68 33.23
CA PRO A 198 -15.53 11.69 34.24
C PRO A 198 -14.41 10.76 34.69
N SER A 199 -13.16 11.20 34.49
CA SER A 199 -12.00 10.53 35.07
C SER A 199 -10.74 11.34 34.74
N GLU A 200 -9.60 10.85 35.23
CA GLU A 200 -8.32 11.44 34.87
C GLU A 200 -7.49 10.42 34.08
N ILE A 201 -8.18 9.50 33.37
CA ILE A 201 -7.56 8.45 32.56
C ILE A 201 -7.76 8.74 31.06
N ALA A 202 -6.64 8.94 30.35
CA ALA A 202 -6.63 9.35 28.96
C ALA A 202 -6.09 8.25 28.04
N VAL A 203 -6.64 8.20 26.82
CA VAL A 203 -6.26 7.19 25.84
C VAL A 203 -5.03 7.68 25.09
N MET A 204 -4.04 6.79 24.93
CA MET A 204 -2.73 7.19 24.45
C MET A 204 -2.46 6.65 23.04
N GLY A 205 -3.31 7.10 22.09
CA GLY A 205 -3.33 6.70 20.68
C GLY A 205 -2.86 5.26 20.44
N ARG A 206 -3.38 4.32 21.23
CA ARG A 206 -3.22 2.91 20.97
C ARG A 206 -4.61 2.28 21.04
N TYR A 207 -4.95 1.45 20.04
CA TYR A 207 -6.23 0.75 20.00
C TYR A 207 -6.01 -0.63 19.39
N VAL A 208 -6.78 -1.61 19.88
CA VAL A 208 -7.06 -2.82 19.14
C VAL A 208 -8.56 -2.83 18.84
N LEU A 209 -8.92 -3.14 17.59
CA LEU A 209 -10.30 -3.03 17.13
C LEU A 209 -10.75 -4.30 16.41
N ASN A 210 -12.07 -4.42 16.27
CA ASN A 210 -12.67 -5.52 15.55
C ASN A 210 -13.17 -5.02 14.21
N SER A 211 -13.18 -5.94 13.23
CA SER A 211 -13.77 -5.71 11.91
C SER A 211 -15.11 -5.01 12.05
N SER A 212 -15.93 -5.47 13.01
CA SER A 212 -17.22 -4.88 13.35
C SER A 212 -17.16 -3.36 13.26
N ILE A 213 -16.06 -2.79 13.77
CA ILE A 213 -15.91 -1.35 13.94
C ILE A 213 -16.11 -0.63 12.61
N PHE A 214 -16.04 -1.37 11.50
CA PHE A 214 -16.14 -0.76 10.18
C PHE A 214 -17.57 -0.31 9.93
N SER A 215 -18.51 -1.25 10.06
CA SER A 215 -19.95 -1.00 10.01
C SER A 215 -20.26 0.23 10.85
N VAL A 216 -19.95 0.06 12.15
CA VAL A 216 -20.11 1.08 13.17
C VAL A 216 -19.66 2.44 12.62
N LEU A 217 -18.45 2.49 12.06
CA LEU A 217 -17.84 3.75 11.65
C LEU A 217 -18.60 4.34 10.46
N LYS A 218 -19.18 3.46 9.64
CA LYS A 218 -19.88 3.85 8.42
C LYS A 218 -21.19 4.57 8.78
N THR A 219 -21.98 4.01 9.72
CA THR A 219 -23.29 4.54 10.06
C THR A 219 -23.20 5.95 10.63
N ILE A 220 -22.31 6.13 11.62
CA ILE A 220 -22.03 7.39 12.30
C ILE A 220 -21.90 8.53 11.28
N GLY A 221 -21.43 8.20 10.07
CA GLY A 221 -21.12 9.15 9.03
C GLY A 221 -21.68 8.73 7.68
N GLU A 227 -16.90 14.39 8.87
CA GLU A 227 -16.07 14.55 10.09
C GLU A 227 -16.32 13.37 11.01
N ILE A 228 -15.59 12.26 10.78
CA ILE A 228 -15.80 11.00 11.48
C ILE A 228 -14.78 10.87 12.61
N GLN A 229 -15.18 11.26 13.82
CA GLN A 229 -14.38 11.07 15.02
C GLN A 229 -14.37 9.58 15.40
N LEU A 230 -13.20 9.04 15.78
CA LEU A 230 -13.07 7.60 16.03
C LEU A 230 -13.65 7.25 17.39
N THR A 231 -13.76 8.26 18.25
CA THR A 231 -14.20 8.05 19.61
C THR A 231 -15.69 7.72 19.61
N ASP A 232 -16.44 8.44 18.77
CA ASP A 232 -17.89 8.28 18.68
C ASP A 232 -18.26 6.85 18.29
N ALA A 233 -17.34 6.17 17.60
CA ALA A 233 -17.58 4.80 17.18
C ALA A 233 -17.27 3.85 18.32
N LEU A 234 -16.45 4.33 19.25
CA LEU A 234 -16.25 3.56 20.46
C LEU A 234 -17.46 3.78 21.38
N ARG A 235 -18.10 4.95 21.25
CA ARG A 235 -19.27 5.30 22.03
C ARG A 235 -20.45 4.40 21.66
N GLU A 236 -20.70 4.28 20.34
CA GLU A 236 -21.85 3.53 19.84
C GLU A 236 -21.60 2.02 20.01
N VAL A 237 -20.35 1.62 20.28
CA VAL A 237 -20.04 0.24 20.66
C VAL A 237 -20.33 0.08 22.13
N CYS A 238 -20.29 1.19 22.87
CA CYS A 238 -20.47 1.16 24.31
C CYS A 238 -21.95 1.08 24.68
N ARG A 239 -22.81 1.62 23.81
CA ARG A 239 -24.26 1.62 24.00
C ARG A 239 -24.79 0.20 23.97
N LYS A 240 -24.27 -0.63 23.06
CA LYS A 240 -24.68 -2.03 23.02
C LYS A 240 -24.02 -2.80 24.17
N GLU A 241 -22.77 -2.46 24.49
CA GLU A 241 -21.92 -3.29 25.33
C GLU A 241 -20.65 -2.52 25.70
N PRO A 242 -20.05 -2.73 26.90
CA PRO A 242 -18.88 -1.98 27.32
C PRO A 242 -17.50 -2.56 26.98
N ILE A 243 -16.58 -1.63 26.65
CA ILE A 243 -15.22 -1.79 26.17
C ILE A 243 -14.28 -2.00 27.35
N HIS A 244 -13.02 -2.31 27.05
CA HIS A 244 -11.97 -2.51 28.03
C HIS A 244 -10.80 -1.56 27.75
N ALA A 245 -9.94 -1.36 28.76
CA ALA A 245 -8.78 -0.50 28.67
C ALA A 245 -7.63 -1.10 29.47
N ARG A 246 -6.42 -1.06 28.89
CA ARG A 246 -5.22 -1.45 29.60
C ARG A 246 -4.54 -0.19 30.15
N LEU A 247 -4.17 -0.23 31.44
CA LEU A 247 -3.21 0.74 31.95
C LEU A 247 -1.84 0.29 31.46
N LEU A 248 -1.08 1.22 30.90
CA LEU A 248 0.14 0.89 30.20
C LEU A 248 1.34 1.02 31.16
N GLU A 249 2.23 0.04 31.08
CA GLU A 249 3.33 -0.10 31.99
C GLU A 249 4.39 1.00 31.82
N GLY A 250 4.78 1.33 30.59
CA GLY A 250 6.07 2.02 30.39
C GLY A 250 6.09 3.53 30.63
N ASN A 251 7.23 4.14 30.26
CA ASN A 251 7.47 5.57 30.38
C ASN A 251 7.15 6.27 29.08
N ARG A 252 6.36 7.34 29.17
CA ARG A 252 5.72 7.91 28.00
C ARG A 252 6.21 9.33 27.66
N TYR A 253 6.72 9.52 26.43
CA TYR A 253 7.22 10.81 25.99
C TYR A 253 6.37 11.35 24.86
N ASP A 254 5.52 12.34 25.20
CA ASP A 254 4.67 12.99 24.21
C ASP A 254 5.57 13.78 23.27
N ILE A 255 5.27 13.69 21.95
CA ILE A 255 6.02 14.41 20.93
C ILE A 255 5.09 15.25 20.04
N GLY A 256 4.02 15.80 20.63
CA GLY A 256 3.07 16.63 19.91
C GLY A 256 3.52 18.09 19.73
N ASP A 257 4.57 18.48 20.45
CA ASP A 257 5.02 19.83 20.68
C ASP A 257 6.50 19.85 20.29
N LYS A 258 7.05 21.01 19.88
CA LYS A 258 8.49 21.10 19.68
C LYS A 258 9.21 20.71 20.97
N LEU A 259 8.75 21.23 22.12
CA LEU A 259 9.37 20.93 23.40
C LEU A 259 9.30 19.44 23.69
N GLY A 260 8.08 18.89 23.60
CA GLY A 260 7.88 17.47 23.82
C GLY A 260 9.00 16.65 23.19
N CYS A 261 9.33 16.96 21.93
CA CYS A 261 10.31 16.24 21.14
C CYS A 261 11.72 16.41 21.69
N PHE A 262 12.09 17.65 22.05
CA PHE A 262 13.37 17.89 22.66
C PHE A 262 13.51 16.99 23.88
N LYS A 263 12.49 16.98 24.74
CA LYS A 263 12.52 16.15 25.92
C LYS A 263 12.69 14.69 25.51
N ALA A 264 11.95 14.24 24.49
CA ALA A 264 11.99 12.84 24.09
C ALA A 264 13.40 12.48 23.58
N SER A 265 13.99 13.37 22.77
CA SER A 265 15.33 13.22 22.27
C SER A 265 16.33 13.08 23.43
N THR A 266 16.14 13.88 24.47
CA THR A 266 17.00 13.91 25.64
C THR A 266 16.90 12.60 26.42
N GLU A 267 15.67 12.19 26.74
CA GLU A 267 15.46 11.02 27.58
C GLU A 267 15.93 9.74 26.89
N ILE A 268 15.58 9.59 25.60
CA ILE A 268 15.94 8.38 24.87
C ILE A 268 17.45 8.42 24.62
N GLY A 269 17.99 9.64 24.46
CA GLY A 269 19.41 9.82 24.23
C GLY A 269 20.19 9.27 25.41
N LEU A 270 19.69 9.63 26.60
CA LEU A 270 20.31 9.28 27.87
C LEU A 270 20.24 7.77 28.08
N MET A 271 19.40 7.09 27.30
CA MET A 271 19.25 5.66 27.46
C MET A 271 20.21 4.94 26.52
N ARG A 272 20.87 5.68 25.63
CA ARG A 272 21.77 5.02 24.70
C ARG A 272 23.21 5.12 25.19
N PRO A 273 23.80 3.96 25.57
CA PRO A 273 25.11 3.91 26.22
C PRO A 273 26.18 4.67 25.46
N GLU A 274 26.10 4.64 24.11
CA GLU A 274 27.10 5.27 23.28
C GLU A 274 27.08 6.78 23.48
N MET A 275 25.89 7.37 23.70
CA MET A 275 25.85 8.83 23.81
C MET A 275 25.65 9.31 25.25
N ARG A 276 25.33 8.37 26.16
CA ARG A 276 24.87 8.78 27.48
C ARG A 276 25.84 9.73 28.16
N SER A 277 27.13 9.40 28.22
CA SER A 277 28.02 10.21 29.04
C SER A 277 28.30 11.57 28.41
N GLN A 278 28.52 11.58 27.09
CA GLN A 278 28.85 12.82 26.43
C GLN A 278 27.69 13.81 26.62
N LEU A 279 26.47 13.25 26.60
CA LEU A 279 25.25 14.03 26.62
C LEU A 279 25.08 14.69 28.00
N LEU A 280 25.06 13.84 29.03
CA LEU A 280 24.90 14.25 30.42
C LEU A 280 25.95 15.28 30.79
N ALA A 281 27.22 15.00 30.47
CA ALA A 281 28.29 15.97 30.69
C ALA A 281 27.90 17.30 30.08
N TYR A 282 27.46 17.28 28.81
CA TYR A 282 27.06 18.49 28.11
C TYR A 282 25.95 19.22 28.86
N LEU A 283 25.00 18.47 29.41
CA LEU A 283 23.87 19.11 30.07
C LEU A 283 24.34 19.75 31.40
N GLU A 284 25.13 19.01 32.18
CA GLU A 284 25.74 19.60 33.38
C GLU A 284 26.43 20.91 32.99
N ASP A 285 27.26 20.85 31.94
CA ASP A 285 28.06 21.97 31.47
C ASP A 285 27.19 23.17 31.14
N VAL A 286 26.04 22.95 30.50
CA VAL A 286 25.18 24.07 30.10
C VAL A 286 24.74 24.82 31.35
N ILE A 287 24.25 24.09 32.35
CA ILE A 287 23.76 24.67 33.60
C ILE A 287 24.90 25.37 34.36
N LYS A 288 26.04 24.69 34.53
CA LYS A 288 27.19 25.34 35.15
C LYS A 288 27.44 26.69 34.47
N ARG A 289 27.51 26.70 33.14
CA ARG A 289 27.82 27.92 32.41
C ARG A 289 26.72 28.98 32.60
N GLU A 290 25.48 28.54 32.76
CA GLU A 290 24.38 29.50 32.84
C GLU A 290 24.29 30.09 34.25
N THR A 291 24.74 29.33 35.25
CA THR A 291 24.82 29.82 36.62
C THR A 291 25.87 30.92 36.69
N LYS A 292 27.13 30.57 36.31
CA LYS A 292 28.25 31.51 36.27
C LYS A 292 27.79 32.82 35.63
N GLU A 293 27.29 32.77 34.38
CA GLU A 293 26.93 33.98 33.65
C GLU A 293 25.89 34.77 34.43
N MET A 294 25.10 34.08 35.25
CA MET A 294 23.96 34.68 35.94
C MET A 294 24.42 35.41 37.20
N LEU A 295 25.39 34.83 37.93
CA LEU A 295 25.86 35.40 39.19
C LEU A 295 26.56 36.75 38.93
N ARG A 296 27.36 36.83 37.86
CA ARG A 296 27.70 38.12 37.28
C ARG A 296 26.46 38.61 36.53
N LYS B 3 -16.71 -14.34 -4.81
CA LYS B 3 -16.61 -13.08 -5.63
C LYS B 3 -15.16 -12.59 -5.64
N VAL B 4 -14.56 -12.41 -6.84
CA VAL B 4 -13.25 -11.79 -6.97
C VAL B 4 -13.41 -10.28 -6.86
N ARG B 5 -12.71 -9.67 -5.89
CA ARG B 5 -12.86 -8.25 -5.63
C ARG B 5 -11.50 -7.55 -5.46
N LYS B 6 -10.40 -8.31 -5.49
CA LYS B 6 -9.07 -7.72 -5.32
C LYS B 6 -8.14 -8.18 -6.44
N ALA B 7 -7.15 -7.33 -6.77
CA ALA B 7 -6.27 -7.50 -7.92
C ALA B 7 -4.86 -7.01 -7.60
N VAL B 8 -3.86 -7.55 -8.30
CA VAL B 8 -2.47 -7.25 -8.05
C VAL B 8 -1.76 -6.88 -9.36
N ILE B 9 -1.26 -5.63 -9.45
CA ILE B 9 -0.47 -5.23 -10.61
C ILE B 9 1.00 -5.14 -10.20
N PRO B 10 1.91 -6.02 -10.70
CA PRO B 10 3.34 -5.88 -10.40
C PRO B 10 3.82 -4.74 -11.28
N ALA B 11 4.58 -3.80 -10.71
CA ALA B 11 5.07 -2.67 -11.47
C ALA B 11 6.44 -2.23 -10.98
N ALA B 12 7.39 -3.16 -10.84
CA ALA B 12 8.63 -2.80 -10.21
C ALA B 12 9.76 -2.71 -11.23
N GLY B 13 9.46 -3.12 -12.48
CA GLY B 13 10.41 -3.10 -13.59
C GLY B 13 11.09 -1.75 -13.78
N LEU B 14 12.35 -1.75 -14.18
CA LEU B 14 13.14 -0.55 -14.37
C LEU B 14 12.93 -0.07 -15.81
N GLY B 15 12.18 -0.88 -16.59
CA GLY B 15 11.78 -0.60 -17.96
C GLY B 15 12.93 -0.18 -18.86
N THR B 16 13.86 -1.12 -19.10
CA THR B 16 15.06 -0.82 -19.87
C THR B 16 14.79 -0.77 -21.37
N ARG B 17 13.77 -1.52 -21.82
CA ARG B 17 13.44 -1.63 -23.23
C ARG B 17 13.04 -0.27 -23.82
N PHE B 18 12.91 0.76 -22.97
CA PHE B 18 12.27 1.98 -23.44
C PHE B 18 13.16 3.19 -23.20
N LEU B 19 14.44 2.95 -22.92
CA LEU B 19 15.36 4.06 -22.68
C LEU B 19 15.52 4.80 -24.01
N PRO B 20 15.88 6.10 -24.00
CA PRO B 20 15.90 6.91 -22.78
C PRO B 20 14.62 7.50 -22.19
N ALA B 21 13.45 7.17 -22.76
CA ALA B 21 12.20 7.72 -22.22
C ALA B 21 12.12 7.42 -20.72
N THR B 22 12.52 6.19 -20.34
CA THR B 22 12.33 5.71 -18.98
C THR B 22 13.57 5.91 -18.11
N LYS B 23 14.58 6.62 -18.61
CA LYS B 23 15.74 6.89 -17.78
C LYS B 23 15.33 7.41 -16.42
N ALA B 24 14.45 8.42 -16.34
CA ALA B 24 14.15 9.01 -15.04
C ALA B 24 12.64 8.99 -14.79
N GLN B 25 11.90 8.09 -15.44
CA GLN B 25 10.49 7.96 -15.16
C GLN B 25 9.96 6.57 -15.54
N PRO B 26 8.86 6.10 -14.93
CA PRO B 26 8.48 4.70 -15.04
C PRO B 26 7.86 4.30 -16.37
N LYS B 27 8.14 3.06 -16.76
CA LYS B 27 7.59 2.41 -17.94
C LYS B 27 6.06 2.57 -17.94
N GLU B 28 5.43 2.42 -16.76
CA GLU B 28 3.99 2.24 -16.71
C GLU B 28 3.26 3.58 -16.83
N MET B 29 4.03 4.68 -16.81
CA MET B 29 3.45 6.00 -16.97
C MET B 29 3.56 6.48 -18.41
N LEU B 30 4.25 5.73 -19.27
CA LEU B 30 4.38 6.12 -20.67
C LEU B 30 2.99 6.27 -21.28
N PRO B 31 2.75 7.37 -22.01
CA PRO B 31 1.41 7.66 -22.49
C PRO B 31 1.09 6.69 -23.63
N ILE B 32 -0.14 6.16 -23.66
CA ILE B 32 -0.49 5.30 -24.76
C ILE B 32 -1.28 6.04 -25.82
N VAL B 33 -2.44 6.60 -25.51
CA VAL B 33 -2.76 7.65 -26.47
C VAL B 33 -2.35 8.98 -25.85
N ASP B 34 -2.85 9.19 -24.64
CA ASP B 34 -2.62 10.40 -23.88
C ASP B 34 -2.94 9.98 -22.45
N LYS B 35 -3.08 8.66 -22.30
CA LYS B 35 -3.26 7.98 -21.03
C LYS B 35 -2.02 7.17 -20.68
N PRO B 36 -1.53 7.24 -19.42
CA PRO B 36 -0.46 6.36 -18.96
C PRO B 36 -0.91 4.91 -19.04
N ALA B 37 0.04 4.05 -19.44
CA ALA B 37 -0.28 2.66 -19.70
C ALA B 37 -1.01 2.12 -18.47
N ILE B 38 -0.46 2.44 -17.29
CA ILE B 38 -0.95 1.87 -16.05
C ILE B 38 -2.44 2.16 -15.91
N GLN B 39 -2.92 3.27 -16.48
CA GLN B 39 -4.30 3.68 -16.31
C GLN B 39 -5.21 2.71 -17.05
N TYR B 40 -4.74 2.21 -18.21
CA TYR B 40 -5.54 1.25 -18.97
C TYR B 40 -5.81 0.03 -18.08
N ILE B 41 -4.79 -0.41 -17.33
CA ILE B 41 -4.90 -1.63 -16.55
C ILE B 41 -5.84 -1.41 -15.38
N VAL B 42 -5.70 -0.30 -14.67
CA VAL B 42 -6.62 -0.01 -13.58
C VAL B 42 -8.06 0.15 -14.09
N GLU B 43 -8.20 0.66 -15.32
CA GLU B 43 -9.51 0.78 -15.95
C GLU B 43 -10.10 -0.60 -16.23
N GLU B 44 -9.31 -1.50 -16.80
CA GLU B 44 -9.74 -2.89 -16.95
C GLU B 44 -10.30 -3.39 -15.64
N ALA B 45 -9.46 -3.36 -14.58
CA ALA B 45 -9.81 -3.90 -13.28
C ALA B 45 -11.09 -3.25 -12.73
N ALA B 46 -11.17 -1.92 -12.76
CA ALA B 46 -12.34 -1.28 -12.19
C ALA B 46 -13.62 -1.77 -12.88
N GLU B 47 -13.67 -1.74 -14.22
CA GLU B 47 -14.87 -2.12 -14.96
C GLU B 47 -15.12 -3.62 -14.86
N SER B 48 -14.10 -4.41 -14.53
CA SER B 48 -14.27 -5.83 -14.27
C SER B 48 -14.89 -6.03 -12.89
N GLY B 49 -15.10 -4.94 -12.15
CA GLY B 49 -15.66 -4.97 -10.81
C GLY B 49 -14.65 -5.22 -9.69
N ILE B 50 -13.36 -4.95 -9.93
CA ILE B 50 -12.40 -4.96 -8.83
C ILE B 50 -12.53 -3.65 -8.04
N GLU B 51 -12.47 -3.75 -6.71
CA GLU B 51 -12.58 -2.57 -5.87
C GLU B 51 -11.24 -2.18 -5.22
N ASP B 52 -10.30 -3.13 -5.15
CA ASP B 52 -9.05 -2.90 -4.43
C ASP B 52 -7.88 -3.51 -5.20
N ILE B 53 -6.89 -2.66 -5.48
CA ILE B 53 -5.70 -3.03 -6.23
C ILE B 53 -4.46 -2.81 -5.37
N LEU B 54 -3.54 -3.78 -5.42
CA LEU B 54 -2.24 -3.60 -4.81
C LEU B 54 -1.21 -3.52 -5.92
N ILE B 55 -0.48 -2.41 -5.94
CA ILE B 55 0.59 -2.27 -6.91
C ILE B 55 1.89 -2.56 -6.18
N ILE B 56 2.65 -3.53 -6.68
CA ILE B 56 3.97 -3.83 -6.17
C ILE B 56 4.88 -2.89 -6.93
N THR B 57 5.34 -1.84 -6.26
CA THR B 57 6.06 -0.78 -6.93
C THR B 57 7.51 -0.83 -6.50
N GLY B 58 8.36 0.01 -7.12
CA GLY B 58 9.75 0.17 -6.74
C GLY B 58 10.10 1.63 -6.48
N ARG B 59 11.39 1.95 -6.56
CA ARG B 59 11.91 3.28 -6.28
C ARG B 59 11.61 4.21 -7.46
N ASN B 60 11.44 5.49 -7.12
CA ASN B 60 11.16 6.57 -8.06
C ASN B 60 10.01 6.20 -8.97
N LYS B 61 8.96 5.59 -8.42
CA LYS B 61 7.72 5.42 -9.16
C LYS B 61 6.60 6.23 -8.53
N ARG B 62 6.96 7.38 -7.92
CA ARG B 62 6.04 8.26 -7.19
C ARG B 62 4.91 8.67 -8.13
N SER B 63 5.27 8.94 -9.40
CA SER B 63 4.30 9.43 -10.36
C SER B 63 3.06 8.52 -10.51
N ILE B 64 3.21 7.20 -10.33
CA ILE B 64 2.07 6.31 -10.41
C ILE B 64 1.10 6.64 -9.28
N GLU B 65 1.63 6.80 -8.06
CA GLU B 65 0.81 7.03 -6.88
C GLU B 65 0.12 8.41 -6.98
N ASP B 66 0.83 9.37 -7.56
CA ASP B 66 0.35 10.73 -7.73
C ASP B 66 -0.76 10.75 -8.77
N HIS B 67 -0.59 9.98 -9.84
CA HIS B 67 -1.56 9.94 -10.92
C HIS B 67 -2.94 9.59 -10.38
N PHE B 68 -3.02 8.68 -9.40
CA PHE B 68 -4.33 8.20 -8.95
C PHE B 68 -4.80 8.90 -7.68
N ASP B 69 -4.28 10.10 -7.37
CA ASP B 69 -4.72 10.87 -6.23
C ASP B 69 -5.26 12.22 -6.70
N ARG B 70 -5.75 13.05 -5.78
CA ARG B 70 -6.19 14.39 -6.14
C ARG B 70 -4.98 15.30 -6.34
N SER B 71 -4.95 16.00 -7.48
CA SER B 71 -3.84 16.91 -7.79
C SER B 71 -4.29 18.36 -7.60
N ALA B 72 -4.11 18.89 -6.39
CA ALA B 72 -4.72 20.14 -5.96
C ALA B 72 -4.37 21.29 -6.90
N GLU B 73 -3.08 21.43 -7.19
CA GLU B 73 -2.58 22.55 -7.97
C GLU B 73 -3.11 22.46 -9.40
N LEU B 74 -3.54 21.27 -9.82
CA LEU B 74 -4.07 21.06 -11.15
C LEU B 74 -5.57 21.38 -11.17
N GLU B 75 -6.29 20.81 -10.20
CA GLU B 75 -7.72 21.02 -10.01
C GLU B 75 -8.01 22.53 -9.94
N PHE B 76 -7.24 23.26 -9.10
CA PHE B 76 -7.38 24.70 -9.08
C PHE B 76 -7.22 25.24 -10.50
N ASN B 77 -6.11 24.91 -11.13
CA ASN B 77 -5.76 25.52 -12.40
C ASN B 77 -6.82 25.24 -13.45
N LEU B 78 -7.57 24.14 -13.28
CA LEU B 78 -8.52 23.74 -14.30
C LEU B 78 -9.82 24.55 -14.12
N ARG B 79 -10.30 24.63 -12.87
CA ARG B 79 -11.49 25.40 -12.51
C ARG B 79 -11.30 26.86 -12.90
N GLU B 80 -10.10 27.38 -12.62
CA GLU B 80 -9.71 28.76 -12.86
C GLU B 80 -9.37 28.95 -14.33
N LYS B 81 -10.08 28.25 -15.24
CA LYS B 81 -9.79 28.28 -16.67
C LYS B 81 -10.95 27.63 -17.43
N GLY B 82 -11.88 27.04 -16.69
CA GLY B 82 -13.16 26.67 -17.28
C GLY B 82 -13.30 25.18 -17.56
N LYS B 83 -12.16 24.52 -17.80
CA LYS B 83 -12.09 23.14 -18.28
C LYS B 83 -12.77 22.24 -17.25
N THR B 84 -14.09 22.09 -17.36
CA THR B 84 -14.94 21.59 -16.29
C THR B 84 -15.17 20.11 -16.55
N GLU B 85 -15.32 19.79 -17.83
CA GLU B 85 -15.40 18.41 -18.29
C GLU B 85 -14.12 17.69 -17.88
N THR B 86 -12.98 18.39 -18.04
CA THR B 86 -11.66 17.85 -17.75
C THR B 86 -11.52 17.66 -16.25
N LEU B 87 -11.75 18.73 -15.49
CA LEU B 87 -11.66 18.63 -14.04
C LEU B 87 -12.52 17.49 -13.50
N LYS B 88 -13.44 16.97 -14.30
CA LYS B 88 -14.29 15.90 -13.79
C LYS B 88 -13.65 14.57 -14.17
N GLU B 89 -13.04 14.53 -15.37
CA GLU B 89 -12.32 13.37 -15.86
C GLU B 89 -11.16 13.05 -14.92
N MET B 90 -10.49 14.11 -14.42
CA MET B 90 -9.35 13.95 -13.54
C MET B 90 -9.76 13.36 -12.19
N GLN B 91 -10.89 13.87 -11.70
CA GLN B 91 -11.47 13.41 -10.44
C GLN B 91 -11.88 11.93 -10.52
N GLN B 92 -12.26 11.49 -11.72
CA GLN B 92 -12.73 10.12 -11.87
C GLN B 92 -11.55 9.15 -11.77
N ILE B 93 -10.38 9.59 -12.22
CA ILE B 93 -9.21 8.74 -12.24
C ILE B 93 -8.93 8.34 -10.79
N ALA B 94 -9.06 9.32 -9.89
CA ALA B 94 -8.76 9.10 -8.48
C ALA B 94 -9.85 8.27 -7.81
N ASP B 95 -10.86 7.86 -8.59
CA ASP B 95 -12.02 7.18 -8.03
C ASP B 95 -12.19 5.77 -8.57
N LEU B 96 -11.35 5.36 -9.52
CA LEU B 96 -11.55 4.05 -10.14
C LEU B 96 -11.57 2.94 -9.10
N ALA B 97 -10.60 2.95 -8.20
CA ALA B 97 -10.43 1.83 -7.29
C ALA B 97 -9.66 2.31 -6.07
N ASN B 98 -9.57 1.49 -5.01
CA ASN B 98 -8.75 1.84 -3.87
C ASN B 98 -7.36 1.28 -4.11
N ILE B 99 -6.38 2.16 -4.32
CA ILE B 99 -5.08 1.73 -4.80
C ILE B 99 -4.13 1.63 -3.62
N HIS B 100 -3.66 0.41 -3.33
CA HIS B 100 -2.68 0.18 -2.27
C HIS B 100 -1.32 -0.05 -2.90
N TYR B 101 -0.25 0.25 -2.15
CA TYR B 101 1.12 0.08 -2.64
C TYR B 101 1.97 -0.71 -1.66
N ILE B 102 2.90 -1.50 -2.21
CA ILE B 102 3.92 -2.15 -1.40
C ILE B 102 5.20 -2.05 -2.20
N ARG B 103 6.33 -1.94 -1.53
CA ARG B 103 7.57 -1.92 -2.29
C ARG B 103 8.09 -3.34 -2.41
N GLN B 104 8.41 -3.77 -3.64
CA GLN B 104 9.22 -4.97 -3.80
C GLN B 104 10.63 -4.63 -3.32
N LYS B 105 11.20 -5.46 -2.44
CA LYS B 105 12.41 -4.99 -1.79
C LYS B 105 13.57 -4.96 -2.80
N GLU B 106 13.95 -6.15 -3.28
CA GLU B 106 14.82 -6.30 -4.45
C GLU B 106 14.05 -7.07 -5.52
N PRO B 107 14.43 -6.96 -6.83
CA PRO B 107 13.67 -7.61 -7.91
C PRO B 107 13.95 -9.11 -8.05
N LEU B 108 12.95 -9.92 -7.68
CA LEU B 108 13.08 -11.37 -7.76
C LEU B 108 11.88 -11.92 -8.54
N GLY B 109 11.37 -11.11 -9.47
CA GLY B 109 10.49 -11.56 -10.54
C GLY B 109 9.03 -11.68 -10.10
N LEU B 110 8.16 -12.03 -11.07
CA LEU B 110 6.71 -11.98 -10.92
C LEU B 110 6.23 -13.02 -9.90
N GLY B 111 7.15 -13.78 -9.32
CA GLY B 111 6.70 -14.80 -8.38
C GLY B 111 6.80 -14.30 -6.95
N HIS B 112 8.02 -13.82 -6.62
CA HIS B 112 8.22 -13.03 -5.41
C HIS B 112 7.11 -11.98 -5.32
N ALA B 113 6.93 -11.21 -6.41
CA ALA B 113 5.98 -10.12 -6.51
C ALA B 113 4.58 -10.57 -6.08
N VAL B 114 4.14 -11.73 -6.56
CA VAL B 114 2.80 -12.18 -6.23
C VAL B 114 2.74 -12.57 -4.76
N LEU B 115 3.88 -13.00 -4.20
CA LEU B 115 3.90 -13.43 -2.82
C LEU B 115 3.69 -12.24 -1.89
N CYS B 116 4.22 -11.08 -2.30
CA CYS B 116 4.10 -9.84 -1.54
C CYS B 116 2.64 -9.51 -1.27
N ALA B 117 1.75 -9.94 -2.17
CA ALA B 117 0.33 -9.64 -2.06
C ALA B 117 -0.34 -10.42 -0.93
N GLU B 118 0.39 -11.40 -0.37
CA GLU B 118 -0.21 -12.50 0.39
C GLU B 118 -1.20 -12.00 1.43
N HIS B 119 -0.67 -11.19 2.37
CA HIS B 119 -1.43 -10.77 3.54
C HIS B 119 -2.50 -9.76 3.16
N PHE B 120 -2.27 -9.08 2.01
CA PHE B 120 -3.19 -8.05 1.55
C PHE B 120 -4.51 -8.67 1.11
N ILE B 121 -4.43 -9.73 0.30
CA ILE B 121 -5.64 -10.36 -0.20
C ILE B 121 -6.11 -11.37 0.84
N GLY B 122 -5.11 -11.99 1.50
CA GLY B 122 -5.37 -12.90 2.60
C GLY B 122 -6.13 -14.12 2.12
N ASP B 123 -7.46 -14.12 2.28
CA ASP B 123 -8.22 -15.32 2.01
C ASP B 123 -9.39 -15.04 1.07
N GLU B 124 -9.02 -14.67 -0.16
CA GLU B 124 -9.93 -14.51 -1.27
C GLU B 124 -9.32 -15.12 -2.53
N PRO B 125 -10.10 -15.25 -3.63
CA PRO B 125 -9.50 -15.38 -4.94
C PRO B 125 -9.09 -13.98 -5.39
N PHE B 126 -7.94 -13.87 -6.04
CA PHE B 126 -7.53 -12.55 -6.51
C PHE B 126 -7.14 -12.61 -7.99
N ALA B 127 -7.12 -11.41 -8.61
CA ALA B 127 -6.69 -11.23 -9.99
C ALA B 127 -5.25 -10.72 -10.00
N VAL B 128 -4.43 -11.26 -10.92
CA VAL B 128 -3.17 -10.64 -11.28
C VAL B 128 -3.25 -10.12 -12.71
N LEU B 129 -2.78 -8.90 -12.96
CA LEU B 129 -2.71 -8.32 -14.30
C LEU B 129 -1.31 -7.76 -14.49
N LEU B 130 -0.45 -8.50 -15.22
CA LEU B 130 0.78 -7.95 -15.74
C LEU B 130 0.37 -6.85 -16.69
N GLY B 131 1.26 -5.91 -16.94
CA GLY B 131 0.77 -4.82 -17.77
C GLY B 131 1.41 -4.82 -19.15
N ASP B 132 1.20 -5.90 -19.88
CA ASP B 132 2.08 -6.20 -21.00
C ASP B 132 1.31 -6.04 -22.30
N ASP B 133 0.01 -5.78 -22.20
CA ASP B 133 -0.82 -5.67 -23.38
C ASP B 133 -2.09 -4.92 -23.04
N ILE B 134 -2.66 -4.21 -24.02
CA ILE B 134 -3.90 -3.51 -23.76
C ILE B 134 -4.99 -4.24 -24.54
N MET B 135 -6.16 -4.42 -23.89
CA MET B 135 -7.24 -5.21 -24.46
C MET B 135 -8.45 -4.32 -24.71
N VAL B 136 -8.94 -4.35 -25.96
CA VAL B 136 -10.19 -3.69 -26.28
C VAL B 136 -11.23 -4.77 -26.52
N SER B 137 -12.34 -4.71 -25.77
CA SER B 137 -13.31 -5.79 -25.67
C SER B 137 -14.69 -5.24 -25.34
N GLU B 138 -15.76 -5.92 -25.77
CA GLU B 138 -17.12 -5.55 -25.38
C GLU B 138 -17.31 -5.89 -23.90
N THR B 139 -16.73 -7.04 -23.51
CA THR B 139 -16.65 -7.45 -22.11
C THR B 139 -15.20 -7.38 -21.64
N PRO B 140 -14.89 -6.55 -20.61
CA PRO B 140 -13.51 -6.29 -20.19
C PRO B 140 -12.76 -7.59 -20.00
N ALA B 141 -11.52 -7.66 -20.48
CA ALA B 141 -10.75 -8.90 -20.53
C ALA B 141 -10.82 -9.69 -19.23
N LEU B 142 -10.47 -9.04 -18.09
CA LEU B 142 -10.43 -9.69 -16.79
C LEU B 142 -11.81 -10.22 -16.41
N ARG B 143 -12.87 -9.41 -16.64
CA ARG B 143 -14.23 -9.81 -16.34
C ARG B 143 -14.51 -11.20 -16.90
N GLN B 144 -13.97 -11.48 -18.09
CA GLN B 144 -14.16 -12.73 -18.79
C GLN B 144 -13.50 -13.89 -18.04
N LEU B 145 -12.31 -13.66 -17.46
CA LEU B 145 -11.62 -14.63 -16.63
C LEU B 145 -12.41 -14.89 -15.35
N MET B 146 -13.06 -13.83 -14.84
CA MET B 146 -13.80 -13.89 -13.60
C MET B 146 -15.04 -14.77 -13.78
N ASP B 147 -15.60 -14.73 -15.00
CA ASP B 147 -16.84 -15.44 -15.32
C ASP B 147 -16.55 -16.94 -15.40
N VAL B 148 -15.37 -17.29 -15.94
CA VAL B 148 -14.94 -18.67 -15.86
C VAL B 148 -14.64 -19.05 -14.41
N TYR B 149 -14.17 -18.11 -13.58
CA TYR B 149 -13.94 -18.41 -12.18
C TYR B 149 -15.25 -18.70 -11.45
N ASP B 150 -16.21 -17.76 -11.54
CA ASP B 150 -17.56 -17.91 -11.00
C ASP B 150 -18.09 -19.32 -11.24
N VAL B 151 -17.67 -19.97 -12.35
CA VAL B 151 -18.16 -21.30 -12.66
C VAL B 151 -17.23 -22.35 -12.05
N TYR B 152 -16.03 -22.52 -12.60
CA TYR B 152 -15.17 -23.64 -12.21
C TYR B 152 -14.52 -23.42 -10.84
N GLY B 153 -14.33 -22.16 -10.43
CA GLY B 153 -13.75 -21.85 -9.14
C GLY B 153 -12.31 -22.33 -8.98
N THR B 154 -11.65 -22.79 -10.05
CA THR B 154 -10.22 -23.07 -9.98
C THR B 154 -9.42 -21.90 -10.55
N GLU B 155 -8.09 -22.04 -10.54
CA GLU B 155 -7.15 -21.06 -11.09
C GLU B 155 -7.40 -20.94 -12.60
N VAL B 156 -7.93 -19.79 -13.03
CA VAL B 156 -8.22 -19.50 -14.43
C VAL B 156 -7.11 -18.63 -15.06
N VAL B 157 -6.79 -18.90 -16.33
CA VAL B 157 -5.80 -18.17 -17.10
C VAL B 157 -6.48 -17.50 -18.30
N GLY B 158 -5.95 -16.33 -18.72
CA GLY B 158 -6.43 -15.62 -19.91
C GLY B 158 -5.53 -15.92 -21.11
N VAL B 159 -6.17 -16.36 -22.22
CA VAL B 159 -5.42 -16.83 -23.38
C VAL B 159 -5.96 -16.24 -24.68
N GLN B 160 -5.05 -16.28 -25.66
CA GLN B 160 -5.29 -16.05 -27.08
C GLN B 160 -4.26 -16.83 -27.89
N SER B 161 -4.61 -17.13 -29.14
CA SER B 161 -3.71 -17.94 -29.96
C SER B 161 -2.63 -17.07 -30.58
N VAL B 162 -1.53 -17.70 -30.97
CA VAL B 162 -0.44 -17.00 -31.61
C VAL B 162 0.15 -17.92 -32.67
N LEU B 163 0.80 -17.36 -33.69
CA LEU B 163 1.31 -18.17 -34.79
C LEU B 163 2.45 -19.02 -34.25
N PRO B 164 2.59 -20.30 -34.69
CA PRO B 164 3.83 -21.06 -34.43
C PRO B 164 5.02 -20.21 -34.84
N GLU B 165 6.19 -20.54 -34.29
CA GLU B 165 7.38 -19.71 -34.47
C GLU B 165 7.10 -18.30 -33.93
N ASP B 166 6.40 -18.27 -32.79
CA ASP B 166 6.18 -17.10 -31.95
C ASP B 166 6.16 -17.57 -30.51
N VAL B 167 6.15 -18.90 -30.34
CA VAL B 167 5.67 -19.52 -29.13
C VAL B 167 6.73 -19.41 -28.04
N SER B 168 7.98 -19.12 -28.42
CA SER B 168 9.07 -19.00 -27.45
C SER B 168 9.04 -17.65 -26.74
N LYS B 169 8.07 -16.82 -27.13
CA LYS B 169 7.95 -15.49 -26.59
C LYS B 169 6.95 -15.51 -25.42
N TYR B 170 6.18 -16.60 -25.33
CA TYR B 170 5.02 -16.62 -24.45
C TYR B 170 5.00 -17.86 -23.56
N GLY B 171 3.93 -17.95 -22.76
CA GLY B 171 3.60 -19.12 -21.97
C GLY B 171 2.46 -19.87 -22.65
N ILE B 172 2.47 -21.20 -22.51
CA ILE B 172 1.78 -22.08 -23.43
C ILE B 172 0.88 -23.04 -22.63
N ILE B 173 -0.42 -23.11 -22.98
CA ILE B 173 -1.23 -24.14 -22.35
C ILE B 173 -0.94 -25.50 -23.00
N ASN B 174 -1.64 -26.52 -22.47
CA ASN B 174 -1.61 -27.86 -23.00
C ASN B 174 -3.00 -28.47 -22.78
N THR B 175 -3.88 -28.19 -23.74
CA THR B 175 -5.25 -28.66 -23.73
C THR B 175 -5.26 -30.14 -24.12
N SER B 176 -6.15 -30.89 -23.47
CA SER B 176 -6.64 -32.14 -24.01
C SER B 176 -8.08 -31.89 -24.45
N GLY B 177 -8.73 -30.91 -23.81
CA GLY B 177 -10.14 -30.62 -24.06
C GLY B 177 -10.40 -29.15 -24.38
N SER B 178 -11.49 -28.90 -25.12
CA SER B 178 -11.90 -27.55 -25.47
C SER B 178 -13.42 -27.49 -25.56
N GLN B 179 -14.02 -26.54 -24.86
CA GLN B 179 -15.45 -26.56 -24.60
C GLN B 179 -15.93 -25.14 -24.41
N GLY B 180 -17.10 -24.80 -24.96
CA GLY B 180 -17.59 -23.42 -24.94
C GLY B 180 -16.51 -22.43 -25.36
N HIS B 181 -16.29 -21.38 -24.54
CA HIS B 181 -15.25 -20.39 -24.78
C HIS B 181 -14.01 -20.65 -23.90
N VAL B 182 -13.97 -21.83 -23.29
CA VAL B 182 -13.09 -22.13 -22.17
C VAL B 182 -12.28 -23.39 -22.49
N TYR B 183 -10.97 -23.24 -22.71
CA TYR B 183 -10.12 -24.41 -22.87
C TYR B 183 -9.90 -25.05 -21.49
N GLU B 184 -9.22 -26.20 -21.43
CA GLU B 184 -9.08 -26.91 -20.17
C GLU B 184 -7.65 -27.39 -20.02
N VAL B 185 -7.01 -27.00 -18.91
CA VAL B 185 -5.56 -27.00 -18.90
C VAL B 185 -5.02 -28.25 -18.20
N ASN B 186 -4.11 -28.95 -18.90
CA ASN B 186 -3.57 -30.16 -18.33
C ASN B 186 -2.12 -29.91 -17.92
N ASP B 187 -1.39 -29.12 -18.71
CA ASP B 187 -0.10 -28.61 -18.26
C ASP B 187 0.23 -27.27 -18.90
N LEU B 188 1.49 -26.82 -18.80
CA LEU B 188 1.88 -25.43 -18.96
C LEU B 188 3.38 -25.39 -19.27
N VAL B 189 3.82 -24.56 -20.22
CA VAL B 189 5.27 -24.40 -20.31
C VAL B 189 5.68 -22.96 -20.59
N GLU B 190 6.74 -22.55 -19.91
CA GLU B 190 7.36 -21.24 -20.06
C GLU B 190 8.28 -21.24 -21.27
N LYS B 191 7.95 -20.36 -22.22
CA LYS B 191 8.71 -20.10 -23.43
C LYS B 191 9.42 -21.36 -23.94
N PRO B 192 8.65 -22.32 -24.54
CA PRO B 192 9.25 -23.49 -25.18
C PRO B 192 9.75 -23.20 -26.59
N SER B 193 10.73 -23.99 -27.05
CA SER B 193 11.19 -24.00 -28.43
C SER B 193 10.06 -24.48 -29.35
N PRO B 194 9.96 -23.99 -30.61
CA PRO B 194 8.76 -24.22 -31.43
C PRO B 194 8.32 -25.68 -31.58
N GLU B 195 9.26 -26.60 -31.33
CA GLU B 195 9.06 -28.04 -31.42
C GLU B 195 8.63 -28.59 -30.06
N GLU B 196 9.22 -28.05 -28.97
CA GLU B 196 8.91 -28.34 -27.58
C GLU B 196 7.46 -27.98 -27.25
N ALA B 197 6.91 -27.00 -27.98
CA ALA B 197 5.63 -26.39 -27.66
C ALA B 197 4.49 -27.35 -27.98
N PRO B 198 3.57 -27.60 -27.02
CA PRO B 198 2.43 -28.50 -27.23
C PRO B 198 1.13 -27.81 -27.62
N SER B 199 1.23 -26.59 -28.15
CA SER B 199 0.07 -25.89 -28.69
C SER B 199 0.46 -24.54 -29.26
N GLU B 200 -0.54 -23.81 -29.75
CA GLU B 200 -0.33 -22.47 -30.27
C GLU B 200 -1.15 -21.47 -29.45
N ILE B 201 -1.42 -21.79 -28.17
CA ILE B 201 -2.20 -20.94 -27.27
C ILE B 201 -1.29 -20.36 -26.17
N ALA B 202 -1.22 -19.03 -26.09
CA ALA B 202 -0.41 -18.33 -25.09
C ALA B 202 -1.29 -17.62 -24.03
N VAL B 203 -0.76 -17.55 -22.81
CA VAL B 203 -1.39 -16.83 -21.71
C VAL B 203 -0.98 -15.36 -21.79
N MET B 204 -1.98 -14.47 -21.68
CA MET B 204 -1.81 -13.06 -21.99
C MET B 204 -1.91 -12.19 -20.73
N GLY B 205 -0.91 -12.34 -19.84
CA GLY B 205 -0.79 -11.62 -18.58
C GLY B 205 -2.10 -11.24 -17.88
N ARG B 206 -3.02 -12.22 -17.79
CA ARG B 206 -4.21 -12.09 -16.98
C ARG B 206 -4.41 -13.42 -16.23
N TYR B 207 -4.73 -13.35 -14.93
CA TYR B 207 -4.97 -14.53 -14.11
C TYR B 207 -6.02 -14.22 -13.05
N VAL B 208 -6.79 -15.23 -12.67
CA VAL B 208 -7.44 -15.27 -11.38
C VAL B 208 -6.84 -16.43 -10.58
N LEU B 209 -6.54 -16.21 -9.29
CA LEU B 209 -5.88 -17.20 -8.45
C LEU B 209 -6.61 -17.38 -7.11
N ASN B 210 -6.28 -18.47 -6.41
CA ASN B 210 -6.83 -18.76 -5.10
C ASN B 210 -5.78 -18.49 -4.03
N SER B 211 -6.24 -18.14 -2.83
CA SER B 211 -5.39 -18.00 -1.64
C SER B 211 -4.40 -19.16 -1.57
N SER B 212 -4.92 -20.38 -1.80
CA SER B 212 -4.15 -21.61 -1.87
C SER B 212 -2.80 -21.36 -2.53
N ILE B 213 -2.81 -20.58 -3.61
CA ILE B 213 -1.68 -20.45 -4.50
C ILE B 213 -0.47 -19.90 -3.72
N PHE B 214 -0.73 -19.35 -2.53
CA PHE B 214 0.33 -18.74 -1.75
C PHE B 214 1.27 -19.82 -1.20
N SER B 215 0.67 -20.78 -0.49
CA SER B 215 1.35 -21.98 -0.01
C SER B 215 2.20 -22.53 -1.14
N VAL B 216 1.49 -22.93 -2.20
CA VAL B 216 2.04 -23.45 -3.44
C VAL B 216 3.30 -22.66 -3.82
N LEU B 217 3.18 -21.32 -3.87
CA LEU B 217 4.24 -20.47 -4.40
C LEU B 217 5.45 -20.47 -3.45
N LYS B 218 5.15 -20.66 -2.14
CA LYS B 218 6.18 -20.66 -1.11
C LYS B 218 7.05 -21.91 -1.19
N THR B 219 6.41 -23.09 -1.33
CA THR B 219 7.10 -24.39 -1.32
C THR B 219 8.07 -24.50 -2.49
N ILE B 220 7.59 -24.17 -3.71
CA ILE B 220 8.36 -24.18 -4.95
C ILE B 220 9.74 -23.55 -4.76
N GLY B 221 9.81 -22.59 -3.82
CA GLY B 221 11.04 -21.85 -3.54
C GLY B 221 11.31 -21.74 -2.05
N GLU B 227 14.55 -16.97 -7.95
CA GLU B 227 13.92 -16.85 -9.28
C GLU B 227 12.73 -17.81 -9.36
N ILE B 228 11.59 -17.40 -8.80
CA ILE B 228 10.39 -18.22 -8.67
C ILE B 228 9.42 -17.84 -9.79
N GLN B 229 9.42 -18.60 -10.89
CA GLN B 229 8.49 -18.39 -11.99
C GLN B 229 7.07 -18.80 -11.57
N LEU B 230 6.06 -17.99 -11.94
CA LEU B 230 4.70 -18.16 -11.46
C LEU B 230 4.02 -19.33 -12.17
N THR B 231 4.57 -19.70 -13.33
CA THR B 231 3.98 -20.70 -14.19
C THR B 231 4.10 -22.06 -13.51
N ASP B 232 5.28 -22.32 -12.93
CA ASP B 232 5.63 -23.58 -12.29
C ASP B 232 4.63 -23.90 -11.17
N ALA B 233 4.06 -22.84 -10.58
CA ALA B 233 3.13 -23.00 -9.48
C ALA B 233 1.74 -23.31 -10.04
N LEU B 234 1.53 -22.91 -11.30
CA LEU B 234 0.30 -23.30 -11.96
C LEU B 234 0.45 -24.76 -12.40
N ARG B 235 1.70 -25.16 -12.69
CA ARG B 235 2.03 -26.52 -13.14
C ARG B 235 1.75 -27.51 -12.02
N GLU B 236 2.29 -27.22 -10.82
CA GLU B 236 2.21 -28.11 -9.68
C GLU B 236 0.78 -28.11 -9.13
N VAL B 237 -0.05 -27.14 -9.53
CA VAL B 237 -1.48 -27.18 -9.22
C VAL B 237 -2.17 -28.08 -10.23
N CYS B 238 -1.55 -28.22 -11.41
CA CYS B 238 -2.15 -28.96 -12.51
C CYS B 238 -1.94 -30.46 -12.32
N ARG B 239 -0.84 -30.85 -11.67
CA ARG B 239 -0.54 -32.25 -11.43
C ARG B 239 -1.54 -32.84 -10.43
N LYS B 240 -1.89 -32.05 -9.42
CA LYS B 240 -2.92 -32.44 -8.47
C LYS B 240 -4.31 -32.34 -9.12
N GLU B 241 -4.53 -31.33 -9.98
CA GLU B 241 -5.88 -31.02 -10.44
C GLU B 241 -5.81 -30.06 -11.63
N PRO B 242 -6.71 -30.16 -12.62
CA PRO B 242 -6.62 -29.33 -13.82
C PRO B 242 -7.42 -28.02 -13.82
N ILE B 243 -6.81 -26.97 -14.39
CA ILE B 243 -7.32 -25.61 -14.35
C ILE B 243 -8.15 -25.30 -15.60
N HIS B 244 -8.54 -24.04 -15.73
CA HIS B 244 -9.27 -23.55 -16.89
C HIS B 244 -8.51 -22.40 -17.55
N ALA B 245 -8.85 -22.13 -18.81
CA ALA B 245 -8.37 -20.96 -19.55
C ALA B 245 -9.51 -20.41 -20.41
N ARG B 246 -9.67 -19.08 -20.39
CA ARG B 246 -10.65 -18.43 -21.24
C ARG B 246 -9.95 -17.92 -22.49
N LEU B 247 -10.57 -18.18 -23.66
CA LEU B 247 -10.19 -17.45 -24.86
C LEU B 247 -10.79 -16.06 -24.73
N LEU B 248 -9.94 -15.06 -24.99
CA LEU B 248 -10.34 -13.68 -24.76
C LEU B 248 -10.97 -13.12 -26.04
N GLU B 249 -12.25 -12.76 -25.93
CA GLU B 249 -12.87 -11.90 -26.91
C GLU B 249 -12.14 -10.54 -26.85
N GLY B 250 -11.82 -9.98 -28.01
CA GLY B 250 -11.31 -8.62 -28.12
C GLY B 250 -9.93 -8.52 -28.77
N ASN B 251 -9.50 -7.27 -28.98
CA ASN B 251 -8.25 -6.94 -29.65
C ASN B 251 -7.13 -6.73 -28.63
N ARG B 252 -5.99 -7.34 -28.91
CA ARG B 252 -4.84 -7.32 -28.02
C ARG B 252 -3.65 -6.54 -28.60
N TYR B 253 -3.20 -5.51 -27.87
CA TYR B 253 -2.06 -4.72 -28.30
C TYR B 253 -0.90 -4.88 -27.33
N ASP B 254 0.12 -5.64 -27.74
CA ASP B 254 1.31 -5.87 -26.96
C ASP B 254 2.06 -4.53 -26.88
N ILE B 255 2.55 -4.19 -25.67
CA ILE B 255 3.29 -2.97 -25.45
C ILE B 255 4.63 -3.25 -24.75
N GLY B 256 5.28 -4.36 -25.10
CA GLY B 256 6.58 -4.71 -24.55
C GLY B 256 7.74 -4.02 -25.25
N ASP B 257 7.49 -3.41 -26.42
CA ASP B 257 8.49 -2.87 -27.34
C ASP B 257 8.20 -1.39 -27.54
N LYS B 258 9.20 -0.64 -28.02
CA LYS B 258 8.92 0.70 -28.51
C LYS B 258 7.89 0.66 -29.63
N LEU B 259 8.09 -0.26 -30.58
CA LEU B 259 7.17 -0.38 -31.68
C LEU B 259 5.79 -0.78 -31.19
N GLY B 260 5.73 -1.83 -30.37
CA GLY B 260 4.48 -2.25 -29.75
C GLY B 260 3.60 -1.07 -29.37
N CYS B 261 4.23 -0.11 -28.68
CA CYS B 261 3.54 1.07 -28.15
C CYS B 261 3.02 1.98 -29.25
N PHE B 262 3.89 2.27 -30.21
CA PHE B 262 3.46 3.05 -31.36
C PHE B 262 2.19 2.46 -31.96
N LYS B 263 2.21 1.15 -32.21
CA LYS B 263 1.06 0.45 -32.76
C LYS B 263 -0.15 0.67 -31.88
N ALA B 264 0.04 0.50 -30.57
CA ALA B 264 -1.10 0.56 -29.65
C ALA B 264 -1.72 1.96 -29.65
N SER B 265 -0.84 2.98 -29.65
CA SER B 265 -1.25 4.38 -29.72
C SER B 265 -2.08 4.64 -30.97
N THR B 266 -1.64 4.07 -32.10
CA THR B 266 -2.27 4.25 -33.39
C THR B 266 -3.67 3.61 -33.42
N GLU B 267 -3.73 2.33 -33.00
CA GLU B 267 -4.99 1.60 -33.10
C GLU B 267 -6.04 2.19 -32.15
N ILE B 268 -5.64 2.54 -30.93
CA ILE B 268 -6.61 3.07 -29.98
C ILE B 268 -6.98 4.49 -30.41
N GLY B 269 -6.01 5.16 -31.03
CA GLY B 269 -6.20 6.51 -31.55
C GLY B 269 -7.34 6.48 -32.57
N LEU B 270 -7.28 5.46 -33.43
CA LEU B 270 -8.24 5.26 -34.49
C LEU B 270 -9.63 4.98 -33.93
N MET B 271 -9.73 4.75 -32.62
CA MET B 271 -11.04 4.50 -32.05
C MET B 271 -11.67 5.80 -31.56
N ARG B 272 -10.87 6.87 -31.55
CA ARG B 272 -11.43 8.14 -31.11
C ARG B 272 -11.86 8.96 -32.32
N PRO B 273 -13.18 9.26 -32.44
CA PRO B 273 -13.72 9.97 -33.59
C PRO B 273 -12.96 11.26 -33.94
N GLU B 274 -12.52 11.97 -32.90
CA GLU B 274 -11.81 13.23 -33.09
C GLU B 274 -10.47 12.99 -33.78
N MET B 275 -9.80 11.86 -33.52
CA MET B 275 -8.50 11.63 -34.14
C MET B 275 -8.56 10.63 -35.30
N ARG B 276 -9.65 9.89 -35.45
CA ARG B 276 -9.65 8.80 -36.42
C ARG B 276 -9.31 9.30 -37.83
N SER B 277 -10.06 10.31 -38.27
CA SER B 277 -9.90 10.76 -39.65
C SER B 277 -8.59 11.53 -39.80
N GLN B 278 -8.22 12.35 -38.82
CA GLN B 278 -6.99 13.12 -38.89
C GLN B 278 -5.81 12.17 -39.05
N LEU B 279 -5.90 11.03 -38.37
CA LEU B 279 -4.82 10.05 -38.26
C LEU B 279 -4.64 9.40 -39.61
N LEU B 280 -5.72 8.77 -40.09
CA LEU B 280 -5.76 8.04 -41.34
C LEU B 280 -5.31 8.94 -42.50
N ALA B 281 -5.87 10.15 -42.58
CA ALA B 281 -5.43 11.12 -43.58
C ALA B 281 -3.92 11.27 -43.51
N TYR B 282 -3.39 11.50 -42.30
CA TYR B 282 -1.97 11.70 -42.10
C TYR B 282 -1.17 10.49 -42.57
N LEU B 283 -1.70 9.28 -42.34
CA LEU B 283 -0.97 8.09 -42.72
C LEU B 283 -0.96 7.94 -44.24
N GLU B 284 -2.13 8.17 -44.87
CA GLU B 284 -2.15 8.20 -46.33
C GLU B 284 -1.05 9.15 -46.83
N ASP B 285 -1.00 10.39 -46.30
CA ASP B 285 -0.05 11.33 -46.87
C ASP B 285 1.41 10.96 -46.59
N VAL B 286 1.70 10.29 -45.46
CA VAL B 286 3.07 9.85 -45.22
C VAL B 286 3.49 8.83 -46.28
N ILE B 287 2.62 7.85 -46.56
CA ILE B 287 2.90 6.81 -47.55
C ILE B 287 3.06 7.41 -48.96
N LYS B 288 2.10 8.27 -49.36
CA LYS B 288 2.25 8.97 -50.63
C LYS B 288 3.65 9.59 -50.70
N ARG B 289 4.04 10.34 -49.66
CA ARG B 289 5.31 11.07 -49.66
C ARG B 289 6.48 10.09 -49.75
N GLU B 290 6.33 8.91 -49.15
CA GLU B 290 7.45 7.99 -49.06
C GLU B 290 7.66 7.25 -50.39
N THR B 291 6.54 7.04 -51.10
CA THR B 291 6.60 6.43 -52.42
C THR B 291 7.28 7.38 -53.39
N LYS B 292 6.71 8.58 -53.56
CA LYS B 292 7.28 9.65 -54.38
C LYS B 292 8.79 9.76 -54.15
N GLU B 293 9.23 10.00 -52.91
CA GLU B 293 10.65 10.22 -52.64
C GLU B 293 11.46 9.00 -53.09
N MET B 294 10.82 7.83 -53.10
CA MET B 294 11.49 6.57 -53.36
C MET B 294 11.68 6.34 -54.87
N LEU B 295 10.68 6.75 -55.68
CA LEU B 295 10.83 6.76 -57.13
C LEU B 295 11.64 7.98 -57.59
N ARG B 296 12.83 8.22 -57.00
CA ARG B 296 13.75 9.27 -57.43
C ARG B 296 15.15 8.96 -56.89
#